data_7PHO
#
_entry.id   7PHO
#
_cell.length_a   70.548
_cell.length_b   90.542
_cell.length_c   95.340
_cell.angle_alpha   90.000
_cell.angle_beta   90.000
_cell.angle_gamma   90.000
#
_symmetry.space_group_name_H-M   'P 21 21 21'
#
loop_
_entity.id
_entity.type
_entity.pdbx_description
1 polymer 'Glucosyl-3-phosphoglycerate synthase'
2 non-polymer P-HYDROXYBENZALDEHYDE
3 non-polymer 'BICARBONATE ION'
4 non-polymer GLYCEROL
5 non-polymer D-MALATE
6 water water
#
_entity_poly.entity_id   1
_entity_poly.type   'polypeptide(L)'
_entity_poly.pdbx_seq_one_letter_code
;MTLVPDLTATDLARHRWLTDNSWTRPTWTVAELEAAKAGRTISVVLPALNEEETVGGVVETIRPLLGGLVDELIVLDSGS
TDDTEIRAMAAGARVISREVALPEVAPQPGKGEVLWRSLAATTGDIIVFIDSDLIDPDPMFVPKLVGPLLLSEGVHLVKG
FYRRPLKTSGSEDAHGGGRVTELVARPLLAALRPELTCVLQPLGGEYAGTRELLMSVPFAPGYGVEIGLLVDTYDRLGLD
AIAQVNLGVRAHRNRPLTDLAAMSRQVIATLFSRCGVPDSGVGLTQFFADGDGFSPRTSEVSLVDRPPMNTLRGKLAAAL
EHHHHHH
;
_entity_poly.pdbx_strand_id   A,B
#
# COMPACT_ATOMS: atom_id res chain seq x y z
N ASP A 6 -7.47 -8.06 24.25
CA ASP A 6 -6.07 -7.75 24.50
C ASP A 6 -5.18 -8.46 23.49
N LEU A 7 -4.65 -9.62 23.86
CA LEU A 7 -3.77 -10.36 22.98
C LEU A 7 -4.57 -11.16 21.95
N THR A 8 -4.02 -11.28 20.76
CA THR A 8 -4.56 -12.13 19.71
C THR A 8 -3.67 -13.35 19.48
N ALA A 9 -4.21 -14.32 18.73
CA ALA A 9 -3.41 -15.50 18.40
C ALA A 9 -2.19 -15.11 17.58
N THR A 10 -2.31 -14.06 16.75
CA THR A 10 -1.15 -13.57 16.01
C THR A 10 -0.08 -13.02 16.96
N ASP A 11 -0.50 -12.25 17.96
CA ASP A 11 0.45 -11.68 18.92
C ASP A 11 1.20 -12.79 19.63
N LEU A 12 0.49 -13.81 20.10
CA LEU A 12 1.13 -14.88 20.87
C LEU A 12 2.16 -15.62 20.02
N ALA A 13 1.77 -15.97 18.79
CA ALA A 13 2.71 -16.67 17.92
C ALA A 13 3.90 -15.80 17.57
N ARG A 14 3.66 -14.52 17.28
CA ARG A 14 4.76 -13.63 16.88
C ARG A 14 5.74 -13.46 18.03
N HIS A 15 5.25 -13.26 19.24
CA HIS A 15 6.13 -13.13 20.38
C HIS A 15 7.01 -14.37 20.57
N ARG A 16 6.41 -15.55 20.50
CA ARG A 16 7.18 -16.77 20.69
C ARG A 16 8.14 -17.00 19.54
N TRP A 17 7.74 -16.69 18.33
CA TRP A 17 8.63 -16.81 17.19
C TRP A 17 9.82 -15.88 17.32
N LEU A 18 9.61 -14.67 17.83
CA LEU A 18 10.74 -13.77 18.03
C LEU A 18 11.72 -14.35 19.04
N THR A 19 11.22 -15.01 20.08
CA THR A 19 12.12 -15.55 21.09
C THR A 19 12.86 -16.80 20.61
N ASP A 20 12.29 -17.55 19.66
CA ASP A 20 12.88 -18.82 19.22
C ASP A 20 13.59 -18.75 17.87
N ASN A 21 13.12 -17.89 16.96
CA ASN A 21 13.54 -17.92 15.57
C ASN A 21 14.08 -16.59 15.07
N SER A 22 14.34 -15.64 15.95
CA SER A 22 14.91 -14.35 15.61
C SER A 22 16.12 -14.10 16.47
N TRP A 23 17.18 -13.58 15.86
CA TRP A 23 18.43 -13.29 16.56
C TRP A 23 18.81 -11.83 16.36
N THR A 24 18.77 -11.05 17.44
CA THR A 24 19.25 -9.68 17.43
C THR A 24 20.78 -9.62 17.42
N ARG A 25 21.43 -10.62 17.97
CA ARG A 25 22.90 -10.67 18.03
C ARG A 25 23.34 -12.05 17.53
N PRO A 26 23.30 -12.27 16.19
CA PRO A 26 23.68 -13.56 15.55
C PRO A 26 25.20 -13.71 15.47
N THR A 27 25.83 -13.90 16.63
CA THR A 27 27.28 -13.78 16.78
C THR A 27 28.04 -15.11 16.65
N TRP A 28 27.47 -16.11 16.00
CA TRP A 28 28.18 -17.37 15.77
C TRP A 28 29.51 -17.10 15.10
N THR A 29 30.52 -17.89 15.45
CA THR A 29 31.82 -17.71 14.79
C THR A 29 31.86 -18.47 13.48
N VAL A 30 32.70 -17.96 12.56
CA VAL A 30 32.90 -18.67 11.31
C VAL A 30 33.40 -20.09 11.58
N ALA A 31 34.30 -20.25 12.55
CA ALA A 31 34.83 -21.58 12.83
C ALA A 31 33.74 -22.54 13.28
N GLU A 32 32.84 -22.10 14.17
CA GLU A 32 31.82 -23.05 14.61
C GLU A 32 30.83 -23.36 13.50
N LEU A 33 30.57 -22.41 12.60
CA LEU A 33 29.66 -22.68 11.49
C LEU A 33 30.29 -23.66 10.52
N GLU A 34 31.58 -23.51 10.22
CA GLU A 34 32.24 -24.48 9.36
C GLU A 34 32.16 -25.87 9.96
N ALA A 35 32.39 -25.98 11.28
CA ALA A 35 32.38 -27.27 11.95
C ALA A 35 31.00 -27.90 11.90
N ALA A 36 29.95 -27.09 11.80
CA ALA A 36 28.58 -27.60 11.77
C ALA A 36 28.12 -27.98 10.38
N LYS A 37 28.89 -27.70 9.32
CA LYS A 37 28.40 -27.97 7.97
C LYS A 37 28.06 -29.45 7.80
N ALA A 38 28.89 -30.34 8.35
CA ALA A 38 28.60 -31.77 8.38
C ALA A 38 28.30 -32.31 6.98
N GLY A 39 29.18 -31.94 6.04
CA GLY A 39 29.05 -32.41 4.68
C GLY A 39 28.25 -31.50 3.77
N ARG A 40 27.46 -30.59 4.33
CA ARG A 40 26.70 -29.65 3.50
C ARG A 40 27.62 -28.60 2.92
N THR A 41 27.29 -28.15 1.72
CA THR A 41 28.02 -27.08 1.06
C THR A 41 27.14 -25.85 0.94
N ILE A 42 27.79 -24.70 0.79
CA ILE A 42 27.13 -23.39 0.79
C ILE A 42 27.52 -22.63 -0.47
N SER A 43 26.52 -22.18 -1.22
CA SER A 43 26.69 -21.34 -2.39
C SER A 43 26.17 -19.96 -2.07
N VAL A 44 26.89 -18.93 -2.50
CA VAL A 44 26.46 -17.55 -2.36
C VAL A 44 26.24 -17.00 -3.76
N VAL A 45 25.07 -16.40 -3.99
CA VAL A 45 24.68 -15.85 -5.27
C VAL A 45 24.39 -14.37 -5.11
N LEU A 46 25.01 -13.56 -5.95
CA LEU A 46 24.73 -12.14 -6.06
C LEU A 46 24.02 -11.91 -7.38
N PRO A 47 22.72 -11.64 -7.40
CA PRO A 47 22.08 -11.21 -8.65
C PRO A 47 22.60 -9.84 -9.03
N ALA A 48 22.82 -9.61 -10.33
CA ALA A 48 23.36 -8.32 -10.72
C ALA A 48 22.84 -7.86 -12.09
N LEU A 49 22.51 -6.56 -12.17
CA LEU A 49 22.22 -5.90 -13.44
C LEU A 49 22.72 -4.48 -13.33
N ASN A 50 23.81 -4.16 -14.02
CA ASN A 50 24.36 -2.81 -14.09
C ASN A 50 24.62 -2.23 -12.70
N GLU A 51 25.47 -2.94 -11.97
CA GLU A 51 25.86 -2.57 -10.61
C GLU A 51 27.37 -2.38 -10.52
N GLU A 52 27.97 -1.74 -11.52
CA GLU A 52 29.43 -1.72 -11.62
C GLU A 52 30.08 -1.02 -10.43
N GLU A 53 29.39 -0.06 -9.80
CA GLU A 53 30.01 0.71 -8.73
C GLU A 53 30.13 -0.08 -7.44
N THR A 54 29.30 -1.10 -7.23
CA THR A 54 29.22 -1.78 -5.96
C THR A 54 29.51 -3.28 -6.00
N VAL A 55 29.37 -3.95 -7.14
CA VAL A 55 29.43 -5.41 -7.13
C VAL A 55 30.76 -5.91 -6.60
N GLY A 56 31.86 -5.27 -6.98
CA GLY A 56 33.16 -5.74 -6.54
C GLY A 56 33.33 -5.62 -5.05
N GLY A 57 32.85 -4.52 -4.46
CA GLY A 57 32.92 -4.36 -3.03
C GLY A 57 32.13 -5.43 -2.28
N VAL A 58 30.97 -5.82 -2.80
CA VAL A 58 30.22 -6.91 -2.16
C VAL A 58 31.01 -8.20 -2.23
N VAL A 59 31.49 -8.54 -3.43
CA VAL A 59 32.30 -9.75 -3.60
C VAL A 59 33.47 -9.76 -2.63
N GLU A 60 34.16 -8.62 -2.50
CA GLU A 60 35.34 -8.55 -1.64
C GLU A 60 35.02 -8.89 -0.20
N THR A 61 33.80 -8.58 0.27
CA THR A 61 33.47 -8.86 1.66
C THR A 61 33.20 -10.33 1.92
N ILE A 62 32.86 -11.10 0.88
CA ILE A 62 32.49 -12.51 1.01
C ILE A 62 33.66 -13.43 0.70
N ARG A 63 34.53 -12.99 -0.22
CA ARG A 63 35.59 -13.86 -0.71
CA ARG A 63 35.61 -13.84 -0.71
C ARG A 63 36.51 -14.43 0.39
N PRO A 64 36.73 -13.76 1.54
CA PRO A 64 37.57 -14.41 2.56
C PRO A 64 37.00 -15.71 3.09
N LEU A 65 35.71 -15.95 2.89
CA LEU A 65 35.07 -17.19 3.32
C LEU A 65 35.24 -18.32 2.33
N LEU A 66 35.68 -18.04 1.11
CA LEU A 66 35.78 -19.09 0.12
C LEU A 66 36.85 -20.10 0.50
N GLY A 67 36.51 -21.39 0.36
CA GLY A 67 37.40 -22.46 0.77
C GLY A 67 37.22 -22.88 2.22
N GLY A 68 36.43 -22.15 2.99
CA GLY A 68 36.09 -22.56 4.33
C GLY A 68 34.57 -22.65 4.43
N LEU A 69 33.95 -21.62 5.00
CA LEU A 69 32.49 -21.64 5.15
C LEU A 69 31.78 -21.69 3.80
N VAL A 70 32.24 -20.92 2.81
CA VAL A 70 31.55 -20.76 1.54
C VAL A 70 32.25 -21.60 0.48
N ASP A 71 31.48 -22.40 -0.26
CA ASP A 71 32.01 -23.27 -1.30
C ASP A 71 31.99 -22.66 -2.70
N GLU A 72 31.09 -21.73 -2.98
CA GLU A 72 31.14 -21.02 -4.24
C GLU A 72 30.50 -19.66 -4.10
N LEU A 73 31.01 -18.72 -4.90
CA LEU A 73 30.58 -17.32 -4.91
C LEU A 73 30.36 -16.93 -6.35
N ILE A 74 29.09 -16.76 -6.71
CA ILE A 74 28.66 -16.56 -8.09
C ILE A 74 27.94 -15.23 -8.20
N VAL A 75 28.29 -14.46 -9.21
CA VAL A 75 27.51 -13.32 -9.64
C VAL A 75 26.69 -13.79 -10.85
N LEU A 76 25.37 -13.75 -10.71
CA LEU A 76 24.46 -14.18 -11.77
C LEU A 76 24.06 -12.91 -12.49
N ASP A 77 24.69 -12.65 -13.63
CA ASP A 77 24.48 -11.41 -14.34
C ASP A 77 23.26 -11.50 -15.24
N SER A 78 22.50 -10.41 -15.29
CA SER A 78 21.23 -10.36 -16.01
C SER A 78 21.32 -9.59 -17.33
N GLY A 79 22.52 -9.38 -17.87
CA GLY A 79 22.66 -8.71 -19.15
C GLY A 79 23.19 -7.29 -19.00
N SER A 80 24.13 -7.09 -18.09
CA SER A 80 24.67 -5.77 -17.85
C SER A 80 25.37 -5.21 -19.08
N THR A 81 25.29 -3.90 -19.25
CA THR A 81 26.02 -3.21 -20.30
C THR A 81 27.14 -2.33 -19.75
N ASP A 82 27.26 -2.21 -18.42
CA ASP A 82 28.37 -1.51 -17.81
C ASP A 82 29.47 -2.53 -17.49
N ASP A 83 30.36 -2.21 -16.54
CA ASP A 83 31.48 -3.09 -16.22
C ASP A 83 31.19 -4.04 -15.08
N THR A 84 29.92 -4.36 -14.81
CA THR A 84 29.59 -5.25 -13.70
C THR A 84 30.35 -6.57 -13.79
N GLU A 85 30.32 -7.22 -14.95
CA GLU A 85 30.88 -8.57 -15.06
C GLU A 85 32.38 -8.57 -14.81
N ILE A 86 33.12 -7.69 -15.48
CA ILE A 86 34.57 -7.73 -15.33
C ILE A 86 34.99 -7.29 -13.94
N ARG A 87 34.27 -6.35 -13.32
CA ARG A 87 34.61 -5.99 -11.95
C ARG A 87 34.36 -7.14 -10.99
N ALA A 88 33.28 -7.89 -11.20
CA ALA A 88 33.02 -9.08 -10.39
C ALA A 88 34.12 -10.11 -10.58
N MET A 89 34.58 -10.30 -11.81
CA MET A 89 35.68 -11.23 -12.07
C MET A 89 36.93 -10.82 -11.32
N ALA A 90 37.34 -9.57 -11.46
CA ALA A 90 38.57 -9.14 -10.80
C ALA A 90 38.46 -9.23 -9.29
N ALA A 91 37.26 -9.03 -8.75
CA ALA A 91 37.09 -9.08 -7.29
C ALA A 91 37.09 -10.49 -6.75
N GLY A 92 37.00 -11.51 -7.60
CA GLY A 92 37.16 -12.88 -7.19
C GLY A 92 35.93 -13.74 -7.22
N ALA A 93 34.90 -13.38 -7.99
CA ALA A 93 33.70 -14.17 -8.15
C ALA A 93 33.68 -14.93 -9.47
N ARG A 94 32.79 -15.91 -9.54
CA ARG A 94 32.47 -16.58 -10.80
C ARG A 94 31.25 -15.90 -11.42
N VAL A 95 31.38 -15.41 -12.64
CA VAL A 95 30.29 -14.73 -13.31
C VAL A 95 29.62 -15.70 -14.26
N ILE A 96 28.31 -15.86 -14.11
CA ILE A 96 27.52 -16.76 -14.94
C ILE A 96 26.32 -15.98 -15.47
N SER A 97 26.09 -16.06 -16.77
CA SER A 97 24.94 -15.40 -17.38
C SER A 97 23.66 -16.21 -17.18
N ARG A 98 22.52 -15.56 -17.41
CA ARG A 98 21.25 -16.27 -17.34
C ARG A 98 21.22 -17.42 -18.33
N GLU A 99 21.76 -17.18 -19.53
CA GLU A 99 21.70 -18.16 -20.61
C GLU A 99 22.55 -19.38 -20.29
N VAL A 100 23.74 -19.17 -19.71
CA VAL A 100 24.57 -20.31 -19.35
C VAL A 100 23.99 -21.06 -18.14
N ALA A 101 23.38 -20.34 -17.20
CA ALA A 101 22.80 -20.99 -16.02
C ALA A 101 21.73 -22.01 -16.40
N LEU A 102 20.90 -21.70 -17.40
CA LEU A 102 19.76 -22.54 -17.75
C LEU A 102 19.52 -22.44 -19.24
N PRO A 103 20.33 -23.14 -20.04
CA PRO A 103 20.27 -22.96 -21.49
C PRO A 103 18.94 -23.30 -22.12
N GLU A 104 18.18 -24.24 -21.53
CA GLU A 104 17.01 -24.81 -22.17
C GLU A 104 15.77 -23.93 -22.06
N VAL A 105 15.84 -22.81 -21.34
CA VAL A 105 14.70 -21.91 -21.16
C VAL A 105 15.12 -20.50 -21.56
N ALA A 106 14.32 -19.85 -22.42
CA ALA A 106 14.62 -18.48 -22.79
C ALA A 106 14.43 -17.56 -21.59
N PRO A 107 15.32 -16.61 -21.37
CA PRO A 107 15.15 -15.71 -20.23
C PRO A 107 13.99 -14.76 -20.43
N GLN A 108 13.42 -14.34 -19.31
CA GLN A 108 12.53 -13.18 -19.26
C GLN A 108 13.11 -12.18 -18.26
N PRO A 109 12.70 -10.93 -18.34
CA PRO A 109 13.30 -9.91 -17.47
C PRO A 109 12.94 -10.11 -16.01
N GLY A 110 13.75 -9.50 -15.17
CA GLY A 110 13.40 -9.30 -13.78
C GLY A 110 14.34 -10.07 -12.82
N LYS A 111 14.28 -9.66 -11.56
CA LYS A 111 15.17 -10.21 -10.57
C LYS A 111 14.84 -11.65 -10.24
N GLY A 112 13.55 -11.99 -10.13
CA GLY A 112 13.18 -13.35 -9.79
C GLY A 112 13.75 -14.37 -10.75
N GLU A 113 13.78 -14.02 -12.03
CA GLU A 113 14.33 -14.92 -13.03
C GLU A 113 15.79 -15.26 -12.72
N VAL A 114 16.56 -14.26 -12.28
CA VAL A 114 17.97 -14.46 -11.99
C VAL A 114 18.15 -15.41 -10.82
N LEU A 115 17.38 -15.21 -9.76
CA LEU A 115 17.51 -16.08 -8.59
C LEU A 115 17.06 -17.50 -8.91
N TRP A 116 16.00 -17.64 -9.69
CA TRP A 116 15.53 -18.97 -10.07
C TRP A 116 16.60 -19.69 -10.88
N ARG A 117 17.15 -19.02 -11.89
CA ARG A 117 18.18 -19.64 -12.71
C ARG A 117 19.41 -20.01 -11.89
N SER A 118 19.72 -19.22 -10.86
CA SER A 118 20.90 -19.53 -10.06
C SER A 118 20.80 -20.88 -9.38
N LEU A 119 19.58 -21.39 -9.16
CA LEU A 119 19.44 -22.72 -8.60
C LEU A 119 20.01 -23.79 -9.51
N ALA A 120 19.95 -23.58 -10.82
CA ALA A 120 20.49 -24.55 -11.77
C ALA A 120 21.99 -24.44 -11.91
N ALA A 121 22.56 -23.28 -11.58
CA ALA A 121 23.99 -23.00 -11.73
C ALA A 121 24.80 -23.24 -10.47
N THR A 122 24.18 -23.54 -9.35
CA THR A 122 24.84 -23.74 -8.08
C THR A 122 24.72 -25.19 -7.65
N THR A 123 25.57 -25.59 -6.71
CA THR A 123 25.52 -26.94 -6.18
C THR A 123 25.31 -27.01 -4.67
N GLY A 124 25.32 -25.87 -3.97
CA GLY A 124 25.27 -25.92 -2.53
C GLY A 124 23.96 -26.46 -1.98
N ASP A 125 24.06 -27.15 -0.84
CA ASP A 125 22.89 -27.57 -0.09
C ASP A 125 22.19 -26.40 0.57
N ILE A 126 22.90 -25.29 0.75
CA ILE A 126 22.37 -24.03 1.24
C ILE A 126 22.75 -22.99 0.19
N ILE A 127 21.79 -22.15 -0.19
CA ILE A 127 22.01 -21.04 -1.11
C ILE A 127 21.73 -19.74 -0.38
N VAL A 128 22.67 -18.81 -0.44
CA VAL A 128 22.58 -17.49 0.17
C VAL A 128 22.49 -16.47 -0.95
N PHE A 129 21.54 -15.56 -0.85
CA PHE A 129 21.37 -14.45 -1.78
C PHE A 129 21.73 -13.16 -1.09
N ILE A 130 22.55 -12.33 -1.76
CA ILE A 130 22.98 -11.03 -1.28
CA ILE A 130 22.96 -11.03 -1.27
C ILE A 130 22.87 -10.06 -2.44
N ASP A 131 22.23 -8.92 -2.23
CA ASP A 131 22.11 -7.94 -3.32
C ASP A 131 23.47 -7.34 -3.69
N SER A 132 23.64 -7.05 -4.96
CA SER A 132 24.91 -6.55 -5.47
C SER A 132 25.01 -5.03 -5.45
N ASP A 133 23.96 -4.34 -5.04
CA ASP A 133 23.92 -2.89 -4.98
C ASP A 133 24.28 -2.33 -3.60
N LEU A 134 24.67 -3.19 -2.66
CA LEU A 134 24.98 -2.73 -1.32
C LEU A 134 26.30 -1.97 -1.29
N ILE A 135 26.34 -0.89 -0.51
CA ILE A 135 27.55 -0.12 -0.28
C ILE A 135 28.15 -0.56 1.05
N ASP A 136 29.44 -0.91 1.03
CA ASP A 136 30.17 -1.33 2.22
C ASP A 136 29.40 -2.35 3.08
N PRO A 137 28.92 -3.44 2.48
CA PRO A 137 28.31 -4.49 3.30
C PRO A 137 29.32 -5.06 4.27
N ASP A 138 28.82 -5.79 5.23
CA ASP A 138 29.67 -6.30 6.30
C ASP A 138 30.09 -7.73 5.99
N PRO A 139 31.35 -8.09 6.27
CA PRO A 139 31.79 -9.46 6.00
C PRO A 139 31.06 -10.54 6.76
N MET A 140 30.34 -10.21 7.83
CA MET A 140 29.64 -11.24 8.58
C MET A 140 28.21 -11.51 8.08
N PHE A 141 27.80 -10.93 6.95
CA PHE A 141 26.45 -11.21 6.44
C PHE A 141 26.24 -12.72 6.24
N VAL A 142 27.11 -13.39 5.49
CA VAL A 142 26.88 -14.78 5.15
C VAL A 142 26.86 -15.66 6.39
N PRO A 143 27.82 -15.54 7.33
CA PRO A 143 27.76 -16.33 8.57
C PRO A 143 26.44 -16.16 9.30
N LYS A 144 25.97 -14.92 9.43
CA LYS A 144 24.74 -14.68 10.15
C LYS A 144 23.55 -15.33 9.46
N LEU A 145 23.50 -15.26 8.14
CA LEU A 145 22.37 -15.82 7.39
C LEU A 145 22.34 -17.33 7.46
N VAL A 146 23.50 -18.00 7.51
CA VAL A 146 23.51 -19.46 7.47
C VAL A 146 23.41 -20.08 8.86
N GLY A 147 23.63 -19.29 9.91
CA GLY A 147 23.66 -19.83 11.26
C GLY A 147 22.45 -20.69 11.59
N PRO A 148 21.23 -20.16 11.42
CA PRO A 148 20.05 -20.96 11.79
C PRO A 148 19.87 -22.18 10.91
N LEU A 149 20.31 -22.12 9.66
CA LEU A 149 20.22 -23.30 8.79
C LEU A 149 21.16 -24.40 9.28
N LEU A 150 22.33 -24.03 9.76
CA LEU A 150 23.33 -25.01 10.14
C LEU A 150 23.10 -25.54 11.55
N LEU A 151 22.54 -24.71 12.43
CA LEU A 151 22.48 -25.01 13.86
C LEU A 151 21.08 -25.26 14.39
N SER A 152 20.05 -24.68 13.79
N SER A 152 20.01 -24.85 13.70
CA SER A 152 18.72 -24.99 14.25
CA SER A 152 18.65 -24.90 14.26
C SER A 152 18.27 -26.28 13.58
C SER A 152 17.72 -25.84 13.49
N GLU A 153 17.26 -26.89 14.17
CA GLU A 153 16.50 -27.93 13.51
C GLU A 153 15.24 -27.31 12.90
N GLY A 154 14.95 -27.69 11.67
CA GLY A 154 13.68 -27.38 11.06
C GLY A 154 13.63 -26.06 10.34
N VAL A 155 14.71 -25.28 10.33
CA VAL A 155 14.71 -23.99 9.66
C VAL A 155 15.16 -24.18 8.22
N HIS A 156 14.40 -23.61 7.28
CA HIS A 156 14.72 -23.70 5.86
C HIS A 156 14.90 -22.36 5.18
N LEU A 157 14.50 -21.24 5.80
CA LEU A 157 14.61 -19.92 5.21
C LEU A 157 15.00 -18.93 6.30
N VAL A 158 16.06 -18.16 6.05
CA VAL A 158 16.54 -17.15 6.98
C VAL A 158 16.54 -15.80 6.28
N LYS A 159 15.84 -14.84 6.88
CA LYS A 159 15.74 -13.49 6.34
C LYS A 159 16.65 -12.57 7.15
N GLY A 160 17.55 -11.87 6.47
CA GLY A 160 18.40 -10.90 7.14
C GLY A 160 17.74 -9.54 7.14
N PHE A 161 17.70 -8.91 8.32
CA PHE A 161 17.16 -7.58 8.47
C PHE A 161 18.22 -6.63 9.01
N TYR A 162 17.98 -5.35 8.77
CA TYR A 162 18.87 -4.30 9.27
C TYR A 162 18.19 -3.55 10.41
N ARG A 163 18.97 -3.25 11.44
CA ARG A 163 18.45 -2.54 12.59
C ARG A 163 18.06 -1.13 12.20
N ARG A 164 16.97 -0.68 12.74
CA ARG A 164 16.53 0.68 12.58
C ARG A 164 17.23 1.56 13.60
N PRO A 165 17.65 2.76 13.21
CA PRO A 165 18.35 3.63 14.17
C PRO A 165 17.43 4.05 15.32
N LEU A 166 18.05 4.55 16.39
CA LEU A 166 17.28 5.14 17.47
C LEU A 166 16.51 6.36 16.98
N LYS A 167 17.19 7.23 16.24
CA LYS A 167 16.56 8.43 15.68
C LYS A 167 16.96 8.58 14.22
N GLY A 177 13.17 4.42 2.19
CA GLY A 177 12.56 4.72 3.47
C GLY A 177 11.71 3.59 4.02
N GLY A 178 11.79 2.42 3.39
CA GLY A 178 10.96 1.30 3.81
C GLY A 178 9.49 1.47 3.51
N ARG A 179 9.17 2.33 2.55
CA ARG A 179 7.76 2.68 2.33
C ARG A 179 6.98 1.50 1.77
N VAL A 180 7.55 0.74 0.84
CA VAL A 180 6.80 -0.40 0.32
C VAL A 180 6.64 -1.46 1.41
N THR A 181 7.67 -1.68 2.19
CA THR A 181 7.57 -2.66 3.27
C THR A 181 6.48 -2.27 4.25
N GLU A 182 6.48 -1.01 4.71
CA GLU A 182 5.59 -0.66 5.81
C GLU A 182 4.19 -0.29 5.36
N LEU A 183 4.02 0.19 4.12
CA LEU A 183 2.70 0.55 3.65
C LEU A 183 2.02 -0.54 2.86
N VAL A 184 2.78 -1.40 2.18
CA VAL A 184 2.22 -2.41 1.27
C VAL A 184 2.41 -3.81 1.82
N ALA A 185 3.65 -4.25 1.99
CA ALA A 185 3.89 -5.65 2.28
C ALA A 185 3.39 -6.04 3.67
N ARG A 186 3.77 -5.30 4.69
CA ARG A 186 3.38 -5.71 6.04
CA ARG A 186 3.38 -5.71 6.03
C ARG A 186 1.87 -5.60 6.23
N PRO A 187 1.22 -4.52 5.75
CA PRO A 187 -0.25 -4.48 5.90
C PRO A 187 -0.96 -5.57 5.12
N LEU A 188 -0.49 -5.92 3.93
CA LEU A 188 -1.12 -7.01 3.19
C LEU A 188 -0.90 -8.34 3.88
N LEU A 189 0.29 -8.57 4.44
CA LEU A 189 0.48 -9.79 5.23
C LEU A 189 -0.42 -9.79 6.46
N ALA A 190 -0.60 -8.64 7.10
CA ALA A 190 -1.51 -8.60 8.24
C ALA A 190 -2.90 -9.08 7.83
N ALA A 191 -3.33 -8.68 6.62
CA ALA A 191 -4.65 -9.05 6.12
C ALA A 191 -4.75 -10.51 5.72
N LEU A 192 -3.72 -11.05 5.05
CA LEU A 192 -3.80 -12.33 4.35
C LEU A 192 -3.03 -13.46 5.00
N ARG A 193 -1.93 -13.15 5.69
CA ARG A 193 -1.08 -14.16 6.33
C ARG A 193 -0.54 -13.56 7.63
N PRO A 194 -1.41 -13.28 8.60
CA PRO A 194 -0.96 -12.42 9.71
C PRO A 194 0.19 -12.97 10.52
N GLU A 195 0.40 -14.29 10.59
CA GLU A 195 1.58 -14.75 11.33
C GLU A 195 2.88 -14.21 10.73
N LEU A 196 2.90 -13.92 9.43
CA LEU A 196 4.12 -13.47 8.78
C LEU A 196 4.44 -12.01 9.06
N THR A 197 3.58 -11.30 9.77
CA THR A 197 3.93 -9.96 10.20
C THR A 197 5.08 -10.02 11.18
N CYS A 198 5.43 -11.20 11.67
CA CYS A 198 6.61 -11.35 12.53
C CYS A 198 7.93 -11.02 11.82
N VAL A 199 7.96 -11.12 10.49
CA VAL A 199 9.20 -10.91 9.73
C VAL A 199 9.42 -9.43 9.55
N LEU A 200 10.55 -8.92 10.03
CA LEU A 200 10.74 -7.47 10.07
CA LEU A 200 10.75 -7.47 10.06
C LEU A 200 10.86 -6.88 8.66
N GLN A 201 11.61 -7.53 7.79
CA GLN A 201 11.89 -7.01 6.45
C GLN A 201 11.58 -8.07 5.41
N PRO A 202 10.30 -8.31 5.14
CA PRO A 202 9.92 -9.41 4.24
C PRO A 202 10.41 -9.24 2.80
N LEU A 203 10.70 -8.01 2.36
CA LEU A 203 11.18 -7.75 1.02
C LEU A 203 12.70 -7.75 0.92
N GLY A 204 13.39 -8.02 2.03
CA GLY A 204 14.85 -7.90 2.00
C GLY A 204 15.51 -8.84 1.02
N GLY A 205 16.60 -8.36 0.42
CA GLY A 205 17.34 -9.13 -0.55
C GLY A 205 18.44 -10.01 -0.01
N GLU A 206 18.67 -9.99 1.31
CA GLU A 206 19.70 -10.81 1.92
C GLU A 206 18.99 -11.92 2.68
N TYR A 207 19.12 -13.15 2.20
CA TYR A 207 18.43 -14.28 2.80
C TYR A 207 19.09 -15.56 2.31
N ALA A 208 18.80 -16.64 3.01
CA ALA A 208 19.37 -17.93 2.71
C ALA A 208 18.31 -19.00 2.84
N GLY A 209 18.42 -20.03 2.03
CA GLY A 209 17.49 -21.15 2.11
C GLY A 209 18.18 -22.46 1.78
N THR A 210 17.51 -23.55 2.17
CA THR A 210 18.01 -24.86 1.77
C THR A 210 17.65 -25.15 0.32
N ARG A 211 18.50 -25.97 -0.32
CA ARG A 211 18.19 -26.41 -1.67
C ARG A 211 16.88 -27.18 -1.70
N GLU A 212 16.63 -27.99 -0.67
CA GLU A 212 15.40 -28.76 -0.61
C GLU A 212 14.18 -27.87 -0.71
N LEU A 213 14.17 -26.76 0.03
CA LEU A 213 13.08 -25.80 -0.05
C LEU A 213 13.06 -25.10 -1.39
N LEU A 214 14.19 -24.53 -1.78
CA LEU A 214 14.19 -23.59 -2.90
C LEU A 214 13.89 -24.29 -4.23
N MET A 215 14.30 -25.55 -4.39
CA MET A 215 14.01 -26.30 -5.62
CA MET A 215 14.01 -26.27 -5.63
C MET A 215 12.54 -26.69 -5.73
N SER A 216 11.78 -26.58 -4.64
CA SER A 216 10.44 -27.13 -4.57
C SER A 216 9.34 -26.10 -4.69
N VAL A 217 9.69 -24.81 -4.78
CA VAL A 217 8.70 -23.73 -4.82
C VAL A 217 8.80 -23.00 -6.16
N PRO A 218 7.69 -22.50 -6.68
CA PRO A 218 7.77 -21.60 -7.84
C PRO A 218 8.49 -20.31 -7.45
N PHE A 219 8.98 -19.60 -8.46
CA PHE A 219 9.65 -18.32 -8.25
C PHE A 219 8.84 -17.24 -8.96
N ALA A 220 8.42 -16.25 -8.20
CA ALA A 220 7.73 -15.11 -8.77
C ALA A 220 8.69 -14.23 -9.54
N PRO A 221 8.17 -13.50 -10.53
CA PRO A 221 9.02 -12.68 -11.37
C PRO A 221 9.32 -11.33 -10.75
N GLY A 222 10.36 -10.71 -11.26
CA GLY A 222 10.62 -9.32 -10.97
C GLY A 222 10.81 -9.10 -9.48
N TYR A 223 10.21 -8.02 -9.00
CA TYR A 223 10.33 -7.64 -7.60
C TYR A 223 9.39 -8.38 -6.70
N GLY A 224 8.67 -9.38 -7.21
CA GLY A 224 7.90 -10.23 -6.32
C GLY A 224 8.64 -11.40 -5.71
N VAL A 225 9.90 -11.64 -6.08
CA VAL A 225 10.52 -12.91 -5.75
C VAL A 225 10.65 -13.10 -4.24
N GLU A 226 11.09 -12.07 -3.51
CA GLU A 226 11.35 -12.25 -2.09
C GLU A 226 10.07 -12.60 -1.33
N ILE A 227 9.01 -11.81 -1.55
CA ILE A 227 7.76 -12.04 -0.81
C ILE A 227 7.13 -13.36 -1.24
N GLY A 228 7.27 -13.73 -2.52
CA GLY A 228 6.74 -15.00 -2.97
C GLY A 228 7.39 -16.17 -2.25
N LEU A 229 8.71 -16.13 -2.11
CA LEU A 229 9.40 -17.21 -1.42
C LEU A 229 8.97 -17.28 0.04
N LEU A 230 8.82 -16.13 0.69
CA LEU A 230 8.40 -16.10 2.09
C LEU A 230 7.05 -16.76 2.25
N VAL A 231 6.07 -16.37 1.43
CA VAL A 231 4.72 -16.92 1.57
C VAL A 231 4.67 -18.38 1.17
N ASP A 232 5.37 -18.76 0.08
CA ASP A 232 5.37 -20.17 -0.29
C ASP A 232 5.97 -21.04 0.80
N THR A 233 7.01 -20.56 1.47
CA THR A 233 7.62 -21.32 2.56
C THR A 233 6.62 -21.46 3.71
N TYR A 234 5.99 -20.35 4.10
CA TYR A 234 5.00 -20.38 5.17
C TYR A 234 3.85 -21.32 4.84
N ASP A 235 3.34 -21.26 3.61
CA ASP A 235 2.19 -22.09 3.27
C ASP A 235 2.53 -23.57 3.30
N ARG A 236 3.80 -23.94 3.15
CA ARG A 236 4.23 -25.33 3.19
C ARG A 236 4.66 -25.79 4.56
N LEU A 237 5.25 -24.91 5.38
CA LEU A 237 5.96 -25.29 6.60
C LEU A 237 5.63 -24.43 7.81
N GLY A 238 4.90 -23.34 7.65
CA GLY A 238 4.57 -22.45 8.73
C GLY A 238 5.75 -21.68 9.27
N LEU A 239 5.52 -21.02 10.41
CA LEU A 239 6.53 -20.17 11.01
C LEU A 239 7.77 -20.93 11.45
N ASP A 240 7.62 -22.21 11.81
CA ASP A 240 8.74 -22.92 12.42
C ASP A 240 9.94 -22.99 11.49
N ALA A 241 9.70 -22.94 10.18
CA ALA A 241 10.76 -23.12 9.18
C ALA A 241 11.43 -21.81 8.78
N ILE A 242 10.98 -20.68 9.32
CA ILE A 242 11.46 -19.36 8.91
C ILE A 242 12.13 -18.72 10.11
N ALA A 243 13.30 -18.12 9.88
CA ALA A 243 14.04 -17.43 10.91
C ALA A 243 14.49 -16.08 10.38
N GLN A 244 14.97 -15.23 11.27
CA GLN A 244 15.54 -13.95 10.84
C GLN A 244 16.70 -13.57 11.74
N VAL A 245 17.64 -12.83 11.16
CA VAL A 245 18.87 -12.44 11.82
C VAL A 245 19.19 -10.98 11.54
N ASN A 246 19.69 -10.30 12.57
CA ASN A 246 20.08 -8.89 12.47
C ASN A 246 21.45 -8.78 11.82
N LEU A 247 21.50 -8.19 10.64
CA LEU A 247 22.75 -7.98 9.92
C LEU A 247 23.48 -6.73 10.36
N GLY A 248 22.89 -5.92 11.22
CA GLY A 248 23.49 -4.69 11.71
C GLY A 248 22.81 -3.45 11.15
N VAL A 249 23.50 -2.34 11.27
CA VAL A 249 22.89 -1.10 10.79
C VAL A 249 22.96 -1.05 9.27
N ARG A 250 22.02 -0.32 8.68
CA ARG A 250 22.14 0.06 7.27
C ARG A 250 20.99 0.99 6.94
N ALA A 251 21.31 2.23 6.58
CA ALA A 251 20.29 3.23 6.27
C ALA A 251 19.42 2.76 5.11
N HIS A 252 18.19 3.26 5.08
CA HIS A 252 17.28 2.93 4.00
C HIS A 252 17.85 3.36 2.65
N ARG A 253 17.56 2.56 1.62
CA ARG A 253 17.82 3.00 0.26
C ARG A 253 16.77 4.03 -0.16
N ASN A 254 17.17 4.91 -1.07
CA ASN A 254 16.27 5.92 -1.62
C ASN A 254 16.08 5.61 -3.10
N ARG A 255 14.92 4.90 -3.44
CA ARG A 255 14.58 4.57 -4.81
C ARG A 255 13.56 5.56 -5.34
N PRO A 256 13.51 5.78 -6.66
CA PRO A 256 12.53 6.75 -7.19
C PRO A 256 11.11 6.26 -6.96
N LEU A 257 10.20 7.22 -6.75
CA LEU A 257 8.83 6.88 -6.41
C LEU A 257 8.18 6.02 -7.50
N THR A 258 8.59 6.20 -8.76
CA THR A 258 7.99 5.41 -9.83
C THR A 258 8.45 3.96 -9.77
N ASP A 259 9.75 3.75 -9.51
CA ASP A 259 10.23 2.41 -9.20
C ASP A 259 9.41 1.79 -8.08
N LEU A 260 9.13 2.57 -7.02
CA LEU A 260 8.45 2.01 -5.85
C LEU A 260 7.01 1.62 -6.18
N ALA A 261 6.30 2.42 -6.97
CA ALA A 261 4.92 2.03 -7.30
C ALA A 261 4.90 0.77 -8.13
N ALA A 262 5.85 0.63 -9.06
CA ALA A 262 5.95 -0.59 -9.85
C ALA A 262 6.30 -1.78 -8.97
N MET A 263 7.20 -1.57 -8.00
CA MET A 263 7.53 -2.63 -7.06
C MET A 263 6.30 -3.04 -6.28
N SER A 264 5.58 -2.06 -5.75
CA SER A 264 4.35 -2.35 -5.02
CA SER A 264 4.34 -2.34 -5.02
C SER A 264 3.38 -3.16 -5.86
N ARG A 265 3.19 -2.78 -7.12
CA ARG A 265 2.24 -3.50 -7.96
C ARG A 265 2.63 -4.96 -8.11
N GLN A 266 3.93 -5.25 -8.25
CA GLN A 266 4.38 -6.64 -8.38
C GLN A 266 4.29 -7.39 -7.04
N VAL A 267 4.60 -6.73 -5.93
CA VAL A 267 4.40 -7.34 -4.62
C VAL A 267 2.93 -7.76 -4.44
N ILE A 268 2.02 -6.87 -4.81
CA ILE A 268 0.59 -7.19 -4.77
C ILE A 268 0.28 -8.39 -5.64
N ALA A 269 0.75 -8.38 -6.89
CA ALA A 269 0.43 -9.46 -7.80
C ALA A 269 0.90 -10.79 -7.24
N THR A 270 2.12 -10.82 -6.67
CA THR A 270 2.66 -12.07 -6.16
C THR A 270 1.92 -12.53 -4.91
N LEU A 271 1.63 -11.60 -3.98
CA LEU A 271 0.84 -11.97 -2.80
C LEU A 271 -0.52 -12.49 -3.21
N PHE A 272 -1.17 -11.81 -4.15
CA PHE A 272 -2.49 -12.24 -4.58
C PHE A 272 -2.44 -13.63 -5.20
N SER A 273 -1.43 -13.91 -6.04
CA SER A 273 -1.35 -15.22 -6.67
CA SER A 273 -1.32 -15.22 -6.67
C SER A 273 -1.17 -16.32 -5.64
N ARG A 274 -0.43 -16.07 -4.57
CA ARG A 274 -0.23 -17.08 -3.55
C ARG A 274 -1.42 -17.20 -2.60
N CYS A 275 -2.21 -16.15 -2.43
CA CYS A 275 -3.26 -16.12 -1.43
C CYS A 275 -4.66 -16.26 -2.02
N GLY A 276 -4.79 -16.64 -3.28
CA GLY A 276 -6.09 -16.94 -3.84
C GLY A 276 -6.92 -15.75 -4.25
N VAL A 277 -6.29 -14.62 -4.54
CA VAL A 277 -6.97 -13.41 -4.96
C VAL A 277 -6.67 -13.25 -6.45
N PRO A 278 -7.67 -13.14 -7.31
CA PRO A 278 -7.37 -12.90 -8.71
C PRO A 278 -6.80 -11.51 -8.90
N ASP A 279 -6.09 -11.36 -10.00
CA ASP A 279 -5.37 -10.14 -10.32
C ASP A 279 -5.67 -9.82 -11.77
N SER A 280 -6.00 -8.56 -12.04
CA SER A 280 -6.41 -8.13 -13.35
C SER A 280 -5.32 -8.29 -14.40
N GLY A 281 -4.05 -8.37 -14.01
CA GLY A 281 -2.95 -8.27 -14.95
C GLY A 281 -2.70 -6.88 -15.45
N VAL A 282 -3.42 -5.89 -14.95
CA VAL A 282 -3.31 -4.51 -15.39
C VAL A 282 -2.33 -3.80 -14.48
N GLY A 283 -1.35 -3.14 -15.08
CA GLY A 283 -0.35 -2.38 -14.36
C GLY A 283 -0.82 -0.95 -14.13
N LEU A 284 0.14 -0.12 -13.78
CA LEU A 284 -0.10 1.30 -13.60
C LEU A 284 -0.01 2.00 -14.96
N THR A 285 -0.65 3.16 -15.06
CA THR A 285 -0.74 3.91 -16.31
C THR A 285 0.25 5.06 -16.31
N GLN A 286 0.94 5.22 -17.43
CA GLN A 286 1.70 6.44 -17.71
C GLN A 286 0.98 7.20 -18.82
N PHE A 287 1.05 8.52 -18.78
CA PHE A 287 0.33 9.35 -19.72
C PHE A 287 1.28 10.25 -20.52
N PHE A 288 1.09 10.31 -21.83
CA PHE A 288 1.57 11.45 -22.59
C PHE A 288 0.75 12.65 -22.16
N ALA A 289 1.41 13.73 -21.75
CA ALA A 289 0.71 14.89 -21.21
C ALA A 289 1.07 16.13 -22.02
N ASP A 290 0.06 16.86 -22.47
CA ASP A 290 0.27 18.16 -23.10
C ASP A 290 -1.03 18.93 -23.04
N GLY A 291 -1.09 20.04 -23.80
CA GLY A 291 -2.26 20.89 -23.76
C GLY A 291 -3.54 20.20 -24.17
N ASP A 292 -3.43 19.16 -25.02
CA ASP A 292 -4.61 18.41 -25.43
C ASP A 292 -5.01 17.33 -24.44
N GLY A 293 -4.33 17.28 -23.28
CA GLY A 293 -4.72 16.38 -22.22
C GLY A 293 -3.76 15.24 -21.99
N PHE A 294 -4.28 14.09 -21.56
CA PHE A 294 -3.50 12.98 -21.06
C PHE A 294 -3.86 11.73 -21.84
N SER A 295 -2.89 11.20 -22.58
CA SER A 295 -3.11 10.01 -23.39
C SER A 295 -2.55 8.79 -22.66
N PRO A 296 -3.38 7.86 -22.22
CA PRO A 296 -2.90 6.79 -21.33
C PRO A 296 -2.21 5.66 -22.07
N ARG A 297 -1.21 5.10 -21.40
CA ARG A 297 -0.55 3.86 -21.81
C ARG A 297 -0.41 3.01 -20.56
N THR A 298 -1.10 1.89 -20.50
CA THR A 298 -1.16 1.09 -19.29
C THR A 298 -0.43 -0.22 -19.53
N SER A 299 0.52 -0.53 -18.64
CA SER A 299 1.23 -1.79 -18.76
C SER A 299 0.29 -2.93 -18.38
N GLU A 300 0.55 -4.09 -18.96
CA GLU A 300 -0.19 -5.30 -18.61
C GLU A 300 0.82 -6.40 -18.30
N VAL A 301 0.36 -7.42 -17.56
CA VAL A 301 1.30 -8.44 -17.09
C VAL A 301 1.92 -9.16 -18.28
N SER A 302 3.23 -9.39 -18.19
CA SER A 302 3.95 -10.12 -19.22
C SER A 302 4.97 -11.10 -18.65
N LEU A 303 5.22 -11.09 -17.35
CA LEU A 303 6.13 -12.04 -16.71
C LEU A 303 5.31 -13.11 -16.01
N VAL A 304 5.72 -14.35 -16.18
CA VAL A 304 5.04 -15.49 -15.59
C VAL A 304 5.83 -15.95 -14.36
N ASP A 305 5.13 -16.58 -13.41
CA ASP A 305 5.83 -17.33 -12.38
C ASP A 305 6.61 -18.46 -13.05
N ARG A 306 7.77 -18.78 -12.50
CA ARG A 306 8.52 -19.94 -12.96
C ARG A 306 8.20 -21.15 -12.09
N PRO A 307 8.11 -22.34 -12.66
CA PRO A 307 7.78 -23.52 -11.88
C PRO A 307 8.94 -23.92 -11.00
N PRO A 308 8.69 -24.76 -9.99
CA PRO A 308 9.78 -25.28 -9.16
C PRO A 308 10.91 -25.84 -10.01
N MET A 309 12.14 -25.48 -9.65
CA MET A 309 13.27 -25.95 -10.44
C MET A 309 13.37 -27.48 -10.45
N ASN A 310 12.79 -28.17 -9.47
CA ASN A 310 12.76 -29.63 -9.47
CA ASN A 310 12.86 -29.62 -9.54
C ASN A 310 12.05 -30.20 -10.70
N THR A 311 11.23 -29.39 -11.38
CA THR A 311 10.60 -29.86 -12.60
C THR A 311 11.55 -29.87 -13.79
N LEU A 312 12.79 -29.36 -13.63
CA LEU A 312 13.74 -29.31 -14.73
C LEU A 312 15.09 -29.90 -14.35
N ARG A 313 15.50 -29.76 -13.10
CA ARG A 313 16.80 -30.22 -12.64
C ARG A 313 16.64 -31.04 -11.36
N GLY A 314 17.62 -31.87 -11.08
CA GLY A 314 17.60 -32.69 -9.88
C GLY A 314 16.35 -33.56 -9.80
N ASP B 6 3.02 0.96 -24.95
CA ASP B 6 2.02 0.78 -26.00
C ASP B 6 0.62 0.68 -25.39
N LEU B 7 -0.39 0.98 -26.20
CA LEU B 7 -1.77 0.97 -25.74
C LEU B 7 -2.20 -0.45 -25.37
N THR B 8 -3.08 -0.55 -24.37
CA THR B 8 -3.67 -1.81 -23.95
C THR B 8 -5.18 -1.61 -23.80
N ALA B 9 -5.87 -2.70 -23.46
CA ALA B 9 -7.33 -2.76 -23.60
C ALA B 9 -8.02 -1.66 -22.80
N THR B 10 -7.57 -1.41 -21.57
CA THR B 10 -8.27 -0.46 -20.71
C THR B 10 -8.01 0.99 -21.08
N ASP B 11 -7.05 1.28 -21.98
CA ASP B 11 -6.69 2.67 -22.22
C ASP B 11 -7.81 3.46 -22.91
N LEU B 12 -8.64 2.81 -23.73
CA LEU B 12 -9.75 3.51 -24.36
C LEU B 12 -10.68 4.13 -23.32
N ALA B 13 -11.08 3.34 -22.32
CA ALA B 13 -11.97 3.85 -21.29
C ALA B 13 -11.32 4.97 -20.50
N ARG B 14 -10.02 4.83 -20.18
CA ARG B 14 -9.31 5.85 -19.43
C ARG B 14 -9.28 7.15 -20.20
N HIS B 15 -8.99 7.05 -21.50
CA HIS B 15 -8.93 8.24 -22.34
C HIS B 15 -10.26 8.95 -22.43
N ARG B 16 -11.35 8.19 -22.66
CA ARG B 16 -12.68 8.80 -22.75
CA ARG B 16 -12.68 8.80 -22.75
C ARG B 16 -13.05 9.48 -21.43
N TRP B 17 -12.78 8.83 -20.30
CA TRP B 17 -13.20 9.39 -19.03
C TRP B 17 -12.44 10.67 -18.71
N LEU B 18 -11.13 10.68 -18.96
CA LEU B 18 -10.37 11.90 -18.68
C LEU B 18 -10.80 13.04 -19.57
N THR B 19 -11.24 12.72 -20.80
CA THR B 19 -11.69 13.76 -21.72
C THR B 19 -12.99 14.41 -21.25
N ASP B 20 -13.91 13.60 -20.72
CA ASP B 20 -15.26 14.09 -20.44
C ASP B 20 -15.51 14.38 -18.96
N ASN B 21 -14.81 13.72 -18.05
CA ASN B 21 -15.17 13.72 -16.63
C ASN B 21 -14.07 14.26 -15.73
N SER B 22 -13.01 14.82 -16.28
CA SER B 22 -11.92 15.37 -15.50
C SER B 22 -11.68 16.81 -15.92
N TRP B 23 -11.55 17.70 -14.94
CA TRP B 23 -11.34 19.13 -15.17
C TRP B 23 -10.07 19.58 -14.45
N THR B 24 -9.01 19.82 -15.22
CA THR B 24 -7.79 20.39 -14.69
C THR B 24 -7.92 21.89 -14.42
N ARG B 25 -8.84 22.59 -15.10
CA ARG B 25 -9.03 24.04 -14.94
C ARG B 25 -10.52 24.38 -15.02
N PRO B 26 -11.26 24.09 -13.98
CA PRO B 26 -12.70 24.43 -13.99
CA PRO B 26 -12.71 24.42 -13.99
C PRO B 26 -12.95 25.91 -14.26
N THR B 27 -13.81 26.19 -15.24
CA THR B 27 -14.12 27.58 -15.56
C THR B 27 -15.22 28.20 -14.71
N TRP B 28 -15.90 27.40 -13.88
CA TRP B 28 -17.20 27.83 -13.37
C TRP B 28 -17.09 28.94 -12.35
N THR B 29 -18.02 29.87 -12.44
CA THR B 29 -18.19 30.93 -11.45
C THR B 29 -19.27 30.54 -10.46
N VAL B 30 -19.18 31.13 -9.27
CA VAL B 30 -20.22 30.92 -8.28
C VAL B 30 -21.58 31.31 -8.84
N ALA B 31 -21.65 32.43 -9.57
CA ALA B 31 -22.92 32.90 -10.10
C ALA B 31 -23.55 31.87 -11.03
N GLU B 32 -22.75 31.31 -11.95
CA GLU B 32 -23.33 30.33 -12.87
CA GLU B 32 -23.29 30.32 -12.87
C GLU B 32 -23.76 29.07 -12.14
N LEU B 33 -23.06 28.70 -11.08
CA LEU B 33 -23.47 27.51 -10.33
C LEU B 33 -24.76 27.76 -9.56
N GLU B 34 -24.89 28.93 -8.93
CA GLU B 34 -26.14 29.23 -8.24
C GLU B 34 -27.31 29.20 -9.21
N ALA B 35 -27.11 29.75 -10.41
CA ALA B 35 -28.18 29.78 -11.41
C ALA B 35 -28.54 28.39 -11.92
N ALA B 36 -27.65 27.42 -11.77
CA ALA B 36 -27.91 26.06 -12.20
C ALA B 36 -28.49 25.16 -11.12
N LYS B 37 -28.66 25.64 -9.89
CA LYS B 37 -29.12 24.75 -8.81
C LYS B 37 -30.49 24.17 -9.13
N ALA B 38 -31.35 24.95 -9.76
CA ALA B 38 -32.67 24.50 -10.20
C ALA B 38 -33.42 23.78 -9.08
N GLY B 39 -33.43 24.39 -7.91
CA GLY B 39 -34.18 23.87 -6.78
C GLY B 39 -33.44 22.89 -5.91
N ARG B 40 -32.30 22.38 -6.36
CA ARG B 40 -31.46 21.54 -5.52
C ARG B 40 -30.82 22.39 -4.42
N THR B 41 -30.61 21.77 -3.28
CA THR B 41 -29.90 22.40 -2.18
C THR B 41 -28.59 21.67 -1.92
N ILE B 42 -27.66 22.40 -1.31
CA ILE B 42 -26.29 21.93 -1.09
C ILE B 42 -25.96 22.05 0.39
N SER B 43 -25.56 20.93 0.99
CA SER B 43 -25.04 20.90 2.35
C SER B 43 -23.54 20.66 2.29
N VAL B 44 -22.80 21.38 3.13
CA VAL B 44 -21.37 21.16 3.29
C VAL B 44 -21.11 20.64 4.68
N VAL B 45 -20.39 19.54 4.77
CA VAL B 45 -20.08 18.85 6.03
C VAL B 45 -18.57 18.75 6.19
N LEU B 46 -18.07 19.20 7.33
CA LEU B 46 -16.66 19.07 7.69
C LEU B 46 -16.55 18.11 8.86
N PRO B 47 -16.01 16.92 8.68
CA PRO B 47 -15.77 16.04 9.84
C PRO B 47 -14.62 16.62 10.65
N ALA B 48 -14.69 16.51 11.98
CA ALA B 48 -13.63 17.08 12.80
C ALA B 48 -13.43 16.30 14.08
N LEU B 49 -12.16 16.06 14.40
CA LEU B 49 -11.77 15.54 15.71
C LEU B 49 -10.49 16.25 16.11
N ASN B 50 -10.59 17.15 17.07
CA ASN B 50 -9.44 17.87 17.64
C ASN B 50 -8.64 18.60 16.54
N GLU B 51 -9.34 19.50 15.85
CA GLU B 51 -8.74 20.29 14.79
C GLU B 51 -8.81 21.80 15.09
N GLU B 52 -8.57 22.18 16.35
CA GLU B 52 -8.80 23.57 16.73
C GLU B 52 -7.91 24.54 15.95
N GLU B 53 -6.75 24.11 15.48
CA GLU B 53 -5.85 25.05 14.82
C GLU B 53 -6.25 25.34 13.36
N THR B 54 -7.05 24.47 12.73
CA THR B 54 -7.38 24.63 11.32
C THR B 54 -8.87 24.76 11.01
N VAL B 55 -9.76 24.29 11.89
CA VAL B 55 -11.17 24.16 11.51
C VAL B 55 -11.78 25.52 11.19
N GLY B 56 -11.45 26.55 11.98
CA GLY B 56 -12.01 27.86 11.73
C GLY B 56 -11.57 28.41 10.37
N GLY B 57 -10.31 28.18 10.02
CA GLY B 57 -9.81 28.63 8.74
C GLY B 57 -10.55 28.00 7.58
N VAL B 58 -10.87 26.71 7.71
CA VAL B 58 -11.62 26.04 6.64
C VAL B 58 -13.03 26.62 6.56
N VAL B 59 -13.71 26.70 7.71
CA VAL B 59 -15.08 27.21 7.73
C VAL B 59 -15.15 28.61 7.12
N GLU B 60 -14.17 29.46 7.46
CA GLU B 60 -14.18 30.84 6.97
C GLU B 60 -14.15 30.91 5.45
N THR B 61 -13.53 29.92 4.78
CA THR B 61 -13.47 29.97 3.33
C THR B 61 -14.78 29.60 2.66
N ILE B 62 -15.68 28.93 3.40
CA ILE B 62 -16.94 28.42 2.85
C ILE B 62 -18.09 29.34 3.25
N ARG B 63 -17.98 29.95 4.43
CA ARG B 63 -19.07 30.75 4.97
C ARG B 63 -19.62 31.82 4.03
N PRO B 64 -18.81 32.48 3.19
CA PRO B 64 -19.40 33.48 2.27
C PRO B 64 -20.40 32.91 1.27
N LEU B 65 -20.40 31.59 1.05
CA LEU B 65 -21.36 30.96 0.15
C LEU B 65 -22.68 30.64 0.82
N LEU B 66 -22.73 30.71 2.15
CA LEU B 66 -23.92 30.33 2.89
C LEU B 66 -25.05 31.31 2.60
N GLY B 67 -26.21 30.78 2.25
CA GLY B 67 -27.34 31.58 1.82
C GLY B 67 -27.37 31.84 0.33
N GLY B 68 -26.36 31.41 -0.40
CA GLY B 68 -26.36 31.51 -1.84
C GLY B 68 -26.12 30.13 -2.42
N LEU B 69 -24.89 29.84 -2.83
CA LEU B 69 -24.61 28.52 -3.38
C LEU B 69 -24.84 27.43 -2.33
N VAL B 70 -24.43 27.69 -1.09
CA VAL B 70 -24.46 26.69 -0.02
C VAL B 70 -25.64 26.97 0.89
N ASP B 71 -26.43 25.94 1.16
CA ASP B 71 -27.61 26.06 1.99
C ASP B 71 -27.38 25.72 3.45
N GLU B 72 -26.45 24.81 3.74
CA GLU B 72 -26.12 24.42 5.10
C GLU B 72 -24.62 24.22 5.22
N LEU B 73 -24.04 24.64 6.34
CA LEU B 73 -22.61 24.50 6.60
C LEU B 73 -22.44 23.95 8.00
N ILE B 74 -22.00 22.69 8.10
CA ILE B 74 -21.98 21.95 9.36
C ILE B 74 -20.59 21.38 9.61
N VAL B 75 -20.15 21.47 10.87
CA VAL B 75 -19.01 20.71 11.37
C VAL B 75 -19.58 19.56 12.19
N LEU B 76 -19.25 18.33 11.80
CA LEU B 76 -19.70 17.12 12.49
C LEU B 76 -18.55 16.76 13.42
N ASP B 77 -18.70 17.10 14.69
CA ASP B 77 -17.63 16.88 15.66
C ASP B 77 -17.69 15.46 16.21
N SER B 78 -16.51 14.83 16.30
CA SER B 78 -16.39 13.43 16.65
C SER B 78 -15.93 13.21 18.08
N GLY B 79 -16.18 14.18 18.96
CA GLY B 79 -15.82 14.05 20.37
C GLY B 79 -14.56 14.80 20.74
N SER B 80 -14.40 16.00 20.20
CA SER B 80 -13.20 16.77 20.45
C SER B 80 -13.16 17.26 21.89
N THR B 81 -11.94 17.36 22.41
CA THR B 81 -11.68 17.92 23.73
C THR B 81 -10.85 19.19 23.67
N ASP B 82 -10.47 19.64 22.48
CA ASP B 82 -9.82 20.92 22.30
C ASP B 82 -10.89 21.97 22.00
N ASP B 83 -10.52 23.10 21.41
CA ASP B 83 -11.47 24.16 21.12
C ASP B 83 -12.07 24.06 19.72
N THR B 84 -12.08 22.87 19.12
CA THR B 84 -12.65 22.71 17.78
C THR B 84 -14.06 23.30 17.69
N GLU B 85 -14.93 22.93 18.64
CA GLU B 85 -16.33 23.32 18.51
C GLU B 85 -16.51 24.83 18.57
N ILE B 86 -15.89 25.49 19.55
CA ILE B 86 -16.10 26.93 19.68
C ILE B 86 -15.48 27.68 18.50
N ARG B 87 -14.33 27.24 18.02
CA ARG B 87 -13.71 27.91 16.88
C ARG B 87 -14.52 27.70 15.59
N ALA B 88 -15.16 26.55 15.43
CA ALA B 88 -16.00 26.35 14.25
C ALA B 88 -17.24 27.23 14.29
N MET B 89 -17.87 27.34 15.47
CA MET B 89 -19.06 28.20 15.59
C MET B 89 -18.71 29.66 15.30
N ALA B 90 -17.58 30.13 15.81
CA ALA B 90 -17.21 31.52 15.62
C ALA B 90 -16.98 31.84 14.15
N ALA B 91 -16.54 30.87 13.36
CA ALA B 91 -16.33 31.07 11.94
C ALA B 91 -17.61 30.93 11.12
N GLY B 92 -18.71 30.50 11.75
CA GLY B 92 -20.01 30.52 11.13
C GLY B 92 -20.62 29.17 10.79
N ALA B 93 -20.06 28.07 11.29
CA ALA B 93 -20.63 26.76 11.05
C ALA B 93 -21.57 26.38 12.20
N ARG B 94 -22.56 25.55 11.86
CA ARG B 94 -23.33 24.85 12.88
C ARG B 94 -22.56 23.60 13.27
N VAL B 95 -22.35 23.40 14.57
CA VAL B 95 -21.60 22.25 15.06
C VAL B 95 -22.58 21.22 15.60
N ILE B 96 -22.48 20.00 15.09
CA ILE B 96 -23.37 18.88 15.40
C ILE B 96 -22.51 17.73 15.88
N SER B 97 -22.81 17.21 17.07
CA SER B 97 -22.12 16.04 17.55
C SER B 97 -22.64 14.76 16.91
N ARG B 98 -21.88 13.67 17.04
CA ARG B 98 -22.34 12.38 16.53
C ARG B 98 -23.66 12.00 17.16
N GLU B 99 -23.81 12.27 18.45
CA GLU B 99 -25.02 11.91 19.17
C GLU B 99 -26.23 12.70 18.66
N VAL B 100 -26.06 13.99 18.42
CA VAL B 100 -27.17 14.77 17.88
C VAL B 100 -27.53 14.30 16.48
N ALA B 101 -26.53 13.92 15.68
CA ALA B 101 -26.82 13.58 14.29
C ALA B 101 -27.69 12.34 14.19
N LEU B 102 -27.51 11.37 15.08
CA LEU B 102 -28.21 10.07 14.98
C LEU B 102 -28.37 9.56 16.40
N PRO B 103 -29.37 10.05 17.13
CA PRO B 103 -29.35 9.96 18.60
C PRO B 103 -29.55 8.56 19.13
N GLU B 104 -30.31 7.71 18.45
CA GLU B 104 -30.67 6.41 19.04
C GLU B 104 -29.65 5.32 18.75
N VAL B 105 -28.59 5.63 18.01
CA VAL B 105 -27.56 4.66 17.64
C VAL B 105 -26.26 5.07 18.33
N ALA B 106 -25.70 4.17 19.14
CA ALA B 106 -24.47 4.51 19.84
C ALA B 106 -23.34 4.72 18.84
N PRO B 107 -22.48 5.74 19.05
CA PRO B 107 -21.39 5.97 18.09
C PRO B 107 -20.32 4.90 18.17
N GLN B 108 -19.73 4.63 17.01
CA GLN B 108 -18.52 3.85 16.85
C GLN B 108 -17.40 4.80 16.45
N PRO B 109 -16.14 4.49 16.76
CA PRO B 109 -15.05 5.41 16.42
C PRO B 109 -14.78 5.47 14.92
N GLY B 110 -14.11 6.54 14.50
CA GLY B 110 -13.57 6.61 13.16
C GLY B 110 -14.27 7.63 12.27
N LYS B 111 -13.58 7.97 11.18
CA LYS B 111 -14.06 9.01 10.28
CA LYS B 111 -14.06 9.01 10.27
C LYS B 111 -15.32 8.58 9.53
N GLY B 112 -15.36 7.34 9.02
CA GLY B 112 -16.53 6.91 8.27
C GLY B 112 -17.82 7.08 9.04
N GLU B 113 -17.79 6.82 10.34
CA GLU B 113 -18.98 6.98 11.18
C GLU B 113 -19.50 8.41 11.11
N VAL B 114 -18.59 9.39 11.12
CA VAL B 114 -18.96 10.80 11.15
C VAL B 114 -19.65 11.19 9.86
N LEU B 115 -19.08 10.79 8.72
CA LEU B 115 -19.67 11.14 7.45
CA LEU B 115 -19.68 11.14 7.44
C LEU B 115 -21.02 10.47 7.29
N TRP B 116 -21.12 9.20 7.70
CA TRP B 116 -22.38 8.48 7.61
C TRP B 116 -23.45 9.19 8.45
N ARG B 117 -23.12 9.51 9.69
CA ARG B 117 -24.09 10.17 10.55
C ARG B 117 -24.55 11.51 10.00
N SER B 118 -23.67 12.23 9.29
CA SER B 118 -24.05 13.53 8.77
C SER B 118 -25.22 13.44 7.79
N LEU B 119 -25.41 12.28 7.17
CA LEU B 119 -26.53 12.09 6.25
C LEU B 119 -27.89 12.20 6.94
N ALA B 120 -27.94 11.90 8.24
CA ALA B 120 -29.17 12.04 9.00
C ALA B 120 -29.39 13.45 9.54
N ALA B 121 -28.40 14.32 9.42
CA ALA B 121 -28.41 15.65 10.00
C ALA B 121 -28.41 16.75 8.95
N THR B 122 -28.55 16.41 7.68
CA THR B 122 -28.48 17.34 6.58
C THR B 122 -29.71 17.18 5.71
N THR B 123 -29.98 18.20 4.92
CA THR B 123 -31.12 18.18 4.01
C THR B 123 -30.74 18.33 2.55
N GLY B 124 -29.46 18.47 2.23
CA GLY B 124 -29.10 18.79 0.86
C GLY B 124 -29.35 17.64 -0.11
N ASP B 125 -29.71 18.03 -1.34
CA ASP B 125 -29.72 17.10 -2.46
C ASP B 125 -28.31 16.76 -2.91
N ILE B 126 -27.36 17.61 -2.57
CA ILE B 126 -25.93 17.40 -2.79
C ILE B 126 -25.26 17.61 -1.44
N ILE B 127 -24.33 16.71 -1.08
CA ILE B 127 -23.54 16.85 0.14
CA ILE B 127 -23.54 16.85 0.14
C ILE B 127 -22.08 16.95 -0.28
N VAL B 128 -21.39 17.94 0.27
CA VAL B 128 -19.97 18.19 0.00
C VAL B 128 -19.22 17.96 1.28
N PHE B 129 -18.22 17.10 1.22
CA PHE B 129 -17.35 16.84 2.35
C PHE B 129 -16.02 17.54 2.12
N ILE B 130 -15.53 18.20 3.16
CA ILE B 130 -14.24 18.90 3.15
C ILE B 130 -13.54 18.57 4.47
N ASP B 131 -12.28 18.17 4.41
CA ASP B 131 -11.54 17.88 5.63
C ASP B 131 -11.30 19.16 6.45
N SER B 132 -11.31 19.02 7.77
CA SER B 132 -11.16 20.16 8.66
CA SER B 132 -11.16 20.15 8.66
C SER B 132 -9.72 20.42 9.06
N ASP B 133 -8.77 19.58 8.60
CA ASP B 133 -7.36 19.75 8.91
C ASP B 133 -6.57 20.40 7.78
N LEU B 134 -7.26 20.95 6.79
CA LEU B 134 -6.58 21.60 5.69
C LEU B 134 -5.98 22.93 6.16
N ILE B 135 -4.82 23.27 5.60
N ILE B 135 -4.70 23.12 5.81
CA ILE B 135 -4.19 24.57 5.81
CA ILE B 135 -3.97 24.30 6.26
C ILE B 135 -4.50 25.48 4.63
C ILE B 135 -4.08 25.44 5.26
N ASP B 136 -4.99 26.69 4.93
N ASP B 136 -4.36 25.13 4.00
CA ASP B 136 -5.20 27.74 3.93
CA ASP B 136 -4.42 26.13 2.92
C ASP B 136 -6.05 27.27 2.77
C ASP B 136 -5.72 25.95 2.14
N PRO B 137 -7.20 26.67 3.01
N PRO B 137 -6.87 26.21 2.76
CA PRO B 137 -8.01 26.15 1.90
CA PRO B 137 -8.14 26.09 2.03
C PRO B 137 -8.50 27.28 1.02
C PRO B 137 -8.36 27.26 1.06
N ASP B 138 -8.83 26.92 -0.17
CA ASP B 138 -9.21 27.89 -1.20
C ASP B 138 -10.73 28.03 -1.19
N PRO B 139 -11.28 29.24 -1.22
CA PRO B 139 -12.74 29.41 -1.22
C PRO B 139 -13.44 28.82 -2.43
N MET B 140 -12.74 28.50 -3.51
CA MET B 140 -13.39 27.87 -4.66
C MET B 140 -13.48 26.34 -4.55
N PHE B 141 -13.11 25.73 -3.42
CA PHE B 141 -13.24 24.28 -3.31
C PHE B 141 -14.69 23.83 -3.54
N VAL B 142 -15.64 24.39 -2.79
CA VAL B 142 -17.02 23.91 -2.92
C VAL B 142 -17.55 24.16 -4.32
N PRO B 143 -17.39 25.35 -4.90
CA PRO B 143 -17.83 25.56 -6.29
C PRO B 143 -17.25 24.53 -7.26
N LYS B 144 -15.95 24.25 -7.16
CA LYS B 144 -15.35 23.29 -8.08
C LYS B 144 -15.94 21.90 -7.90
N LEU B 145 -16.16 21.48 -6.66
CA LEU B 145 -16.65 20.15 -6.41
C LEU B 145 -18.08 19.95 -6.90
N VAL B 146 -18.92 20.99 -6.85
CA VAL B 146 -20.32 20.84 -7.23
C VAL B 146 -20.54 21.08 -8.72
N GLY B 147 -19.57 21.67 -9.43
CA GLY B 147 -19.71 21.97 -10.84
C GLY B 147 -20.24 20.82 -11.66
N PRO B 148 -19.58 19.66 -11.61
CA PRO B 148 -20.03 18.53 -12.46
C PRO B 148 -21.41 18.02 -12.05
N LEU B 149 -21.78 18.14 -10.77
CA LEU B 149 -23.11 17.70 -10.36
C LEU B 149 -24.19 18.62 -10.90
N LEU B 150 -23.91 19.92 -10.95
CA LEU B 150 -24.93 20.87 -11.35
C LEU B 150 -24.99 21.08 -12.85
N LEU B 151 -23.86 20.95 -13.55
CA LEU B 151 -23.74 21.36 -14.94
C LEU B 151 -23.56 20.21 -15.93
N SER B 152 -23.14 19.04 -15.46
CA SER B 152 -23.12 17.84 -16.28
C SER B 152 -24.35 17.00 -15.95
N GLU B 153 -24.60 16.01 -16.79
CA GLU B 153 -25.66 15.05 -16.57
C GLU B 153 -25.02 13.73 -16.19
N GLY B 154 -25.65 13.03 -15.25
CA GLY B 154 -25.25 11.69 -14.93
C GLY B 154 -24.14 11.55 -13.92
N VAL B 155 -23.61 12.64 -13.39
CA VAL B 155 -22.53 12.57 -12.41
C VAL B 155 -23.13 12.54 -11.02
N HIS B 156 -22.65 11.62 -10.18
CA HIS B 156 -23.11 11.50 -8.80
C HIS B 156 -22.03 11.65 -7.75
N LEU B 157 -20.75 11.59 -8.12
CA LEU B 157 -19.64 11.69 -7.18
C LEU B 157 -18.53 12.47 -7.86
N VAL B 158 -18.06 13.52 -7.19
CA VAL B 158 -16.96 14.34 -7.69
C VAL B 158 -15.82 14.29 -6.69
N LYS B 159 -14.65 13.85 -7.13
CA LYS B 159 -13.46 13.74 -6.29
C LYS B 159 -12.51 14.89 -6.62
N GLY B 160 -12.26 15.75 -5.65
CA GLY B 160 -11.26 16.80 -5.84
C GLY B 160 -9.86 16.21 -5.75
N PHE B 161 -9.00 16.65 -6.66
CA PHE B 161 -7.60 16.25 -6.65
C PHE B 161 -6.71 17.47 -6.55
N TYR B 162 -5.50 17.23 -6.10
CA TYR B 162 -4.50 18.28 -5.95
C TYR B 162 -3.42 18.15 -7.02
N ARG B 163 -2.94 19.31 -7.48
CA ARG B 163 -1.97 19.42 -8.56
C ARG B 163 -0.71 18.64 -8.25
N ARG B 164 -0.25 17.84 -9.24
CA ARG B 164 0.97 17.05 -9.12
C ARG B 164 2.16 17.85 -9.61
N PRO B 165 3.35 17.62 -9.06
CA PRO B 165 4.50 18.48 -9.37
C PRO B 165 5.26 18.04 -10.62
N LEU B 166 6.08 18.95 -11.10
CA LEU B 166 7.11 18.60 -12.08
C LEU B 166 8.29 18.01 -11.31
N LYS B 167 8.62 16.75 -11.58
CA LYS B 167 9.69 16.05 -10.87
C LYS B 167 10.84 15.72 -11.83
N GLY B 177 2.26 12.98 1.64
CA GLY B 177 3.08 12.92 0.44
C GLY B 177 2.46 12.07 -0.66
N GLY B 178 1.19 11.70 -0.48
CA GLY B 178 0.54 10.81 -1.41
C GLY B 178 1.10 9.41 -1.45
N ARG B 179 1.86 9.00 -0.44
CA ARG B 179 2.49 7.69 -0.48
C ARG B 179 1.45 6.58 -0.39
N VAL B 180 0.42 6.75 0.43
CA VAL B 180 -0.62 5.74 0.51
C VAL B 180 -1.38 5.68 -0.81
N THR B 181 -1.67 6.84 -1.40
CA THR B 181 -2.39 6.84 -2.67
C THR B 181 -1.58 6.13 -3.75
N GLU B 182 -0.29 6.46 -3.87
CA GLU B 182 0.47 5.96 -5.02
C GLU B 182 1.00 4.54 -4.82
N LEU B 183 1.31 4.15 -3.59
CA LEU B 183 1.85 2.81 -3.37
C LEU B 183 0.80 1.78 -2.96
N VAL B 184 -0.32 2.23 -2.40
CA VAL B 184 -1.33 1.30 -1.89
C VAL B 184 -2.62 1.37 -2.72
N ALA B 185 -3.29 2.51 -2.70
CA ALA B 185 -4.61 2.60 -3.31
C ALA B 185 -4.55 2.36 -4.81
N ARG B 186 -3.68 3.10 -5.51
CA ARG B 186 -3.69 2.98 -6.98
C ARG B 186 -3.25 1.59 -7.43
N PRO B 187 -2.18 1.00 -6.90
CA PRO B 187 -1.84 -0.37 -7.31
C PRO B 187 -2.89 -1.41 -6.95
N LEU B 188 -3.54 -1.28 -5.79
CA LEU B 188 -4.61 -2.22 -5.46
C LEU B 188 -5.80 -2.07 -6.38
N LEU B 189 -6.17 -0.84 -6.72
CA LEU B 189 -7.24 -0.64 -7.69
C LEU B 189 -6.85 -1.20 -9.06
N ALA B 190 -5.58 -1.07 -9.46
CA ALA B 190 -5.15 -1.67 -10.71
C ALA B 190 -5.42 -3.16 -10.71
N ALA B 191 -5.20 -3.82 -9.57
CA ALA B 191 -5.40 -5.27 -9.45
C ALA B 191 -6.86 -5.66 -9.39
N LEU B 192 -7.72 -4.86 -8.73
CA LEU B 192 -9.07 -5.29 -8.36
C LEU B 192 -10.22 -4.45 -8.92
N ARG B 193 -9.98 -3.23 -9.36
CA ARG B 193 -10.99 -2.42 -10.06
C ARG B 193 -10.23 -1.58 -11.08
N PRO B 194 -9.71 -2.21 -12.14
CA PRO B 194 -8.68 -1.55 -12.95
C PRO B 194 -9.10 -0.22 -13.56
N GLU B 195 -10.39 -0.04 -13.89
CA GLU B 195 -10.78 1.25 -14.46
C GLU B 195 -10.56 2.41 -13.49
N LEU B 196 -10.63 2.13 -12.19
CA LEU B 196 -10.61 3.21 -11.21
C LEU B 196 -9.22 3.81 -10.99
N THR B 197 -8.18 3.26 -11.60
CA THR B 197 -6.87 3.90 -11.44
C THR B 197 -6.82 5.28 -12.09
N CYS B 198 -7.80 5.60 -12.97
CA CYS B 198 -7.83 6.92 -13.56
CA CYS B 198 -7.89 6.92 -13.57
C CYS B 198 -8.20 8.02 -12.57
N VAL B 199 -8.78 7.67 -11.42
CA VAL B 199 -9.13 8.67 -10.42
C VAL B 199 -7.84 9.09 -9.71
N LEU B 200 -7.50 10.38 -9.81
CA LEU B 200 -6.21 10.81 -9.29
C LEU B 200 -6.13 10.77 -7.77
N GLN B 201 -7.23 11.06 -7.07
CA GLN B 201 -7.23 11.23 -5.62
C GLN B 201 -8.26 10.31 -4.98
N PRO B 202 -8.09 8.99 -5.11
CA PRO B 202 -9.15 8.09 -4.62
C PRO B 202 -9.39 8.20 -3.13
N LEU B 203 -8.38 8.59 -2.36
CA LEU B 203 -8.48 8.71 -0.91
C LEU B 203 -8.75 10.14 -0.46
N GLY B 204 -8.97 11.07 -1.39
CA GLY B 204 -9.09 12.46 -1.02
C GLY B 204 -10.34 12.71 -0.18
N GLY B 205 -10.21 13.65 0.75
CA GLY B 205 -11.27 14.02 1.66
C GLY B 205 -12.16 15.13 1.18
N GLU B 206 -11.87 15.70 0.00
CA GLU B 206 -12.70 16.77 -0.56
C GLU B 206 -13.46 16.17 -1.73
N TYR B 207 -14.77 16.01 -1.56
CA TYR B 207 -15.60 15.38 -2.59
C TYR B 207 -17.05 15.73 -2.36
N ALA B 208 -17.84 15.58 -3.40
CA ALA B 208 -19.27 15.88 -3.35
C ALA B 208 -20.05 14.73 -3.95
N GLY B 209 -21.21 14.43 -3.37
CA GLY B 209 -22.05 13.38 -3.90
C GLY B 209 -23.52 13.78 -3.86
N THR B 210 -24.28 13.11 -4.70
CA THR B 210 -25.73 13.28 -4.62
C THR B 210 -26.31 12.54 -3.43
N ARG B 211 -27.40 13.09 -2.92
CA ARG B 211 -28.12 12.45 -1.83
C ARG B 211 -28.59 11.06 -2.23
N GLU B 212 -29.09 10.92 -3.47
CA GLU B 212 -29.51 9.63 -3.99
C GLU B 212 -28.44 8.56 -3.81
N LEU B 213 -27.22 8.88 -4.19
CA LEU B 213 -26.13 7.93 -4.03
C LEU B 213 -25.82 7.71 -2.56
N LEU B 214 -25.60 8.79 -1.82
CA LEU B 214 -25.03 8.65 -0.49
C LEU B 214 -25.96 7.96 0.50
N MET B 215 -27.26 8.15 0.35
CA MET B 215 -28.22 7.52 1.25
CA MET B 215 -28.19 7.52 1.28
C MET B 215 -28.39 6.04 0.99
N SER B 216 -27.94 5.55 -0.16
CA SER B 216 -28.23 4.20 -0.60
C SER B 216 -27.07 3.23 -0.45
N VAL B 217 -25.89 3.70 -0.06
CA VAL B 217 -24.71 2.83 0.03
C VAL B 217 -24.31 2.62 1.48
N PRO B 218 -23.75 1.46 1.81
CA PRO B 218 -23.13 1.30 3.12
C PRO B 218 -21.93 2.23 3.22
N PHE B 219 -21.59 2.59 4.46
CA PHE B 219 -20.41 3.41 4.73
C PHE B 219 -19.36 2.58 5.46
N ALA B 220 -18.18 2.51 4.85
CA ALA B 220 -17.07 1.81 5.48
C ALA B 220 -16.59 2.59 6.70
N PRO B 221 -16.02 1.88 7.67
CA PRO B 221 -15.57 2.50 8.90
C PRO B 221 -14.21 3.19 8.77
N GLY B 222 -13.96 4.10 9.68
CA GLY B 222 -12.63 4.65 9.87
C GLY B 222 -12.13 5.31 8.61
N TYR B 223 -10.85 5.11 8.34
CA TYR B 223 -10.20 5.68 7.17
C TYR B 223 -10.51 4.91 5.90
N GLY B 224 -11.41 3.94 5.92
CA GLY B 224 -11.85 3.30 4.69
C GLY B 224 -12.97 4.00 3.97
N VAL B 225 -13.52 5.06 4.55
CA VAL B 225 -14.77 5.60 4.04
C VAL B 225 -14.63 6.06 2.59
N GLU B 226 -13.55 6.79 2.25
CA GLU B 226 -13.43 7.35 0.90
C GLU B 226 -13.31 6.26 -0.15
N ILE B 227 -12.43 5.28 0.07
CA ILE B 227 -12.25 4.22 -0.93
CA ILE B 227 -12.27 4.24 -0.95
C ILE B 227 -13.52 3.38 -1.04
N GLY B 228 -14.20 3.13 0.08
CA GLY B 228 -15.43 2.38 0.01
C GLY B 228 -16.47 3.07 -0.85
N LEU B 229 -16.64 4.39 -0.66
N LEU B 229 -16.64 4.39 -0.67
CA LEU B 229 -17.61 5.13 -1.45
CA LEU B 229 -17.61 5.13 -1.45
C LEU B 229 -17.25 5.11 -2.93
C LEU B 229 -17.25 5.14 -2.92
N LEU B 230 -15.96 5.26 -3.24
CA LEU B 230 -15.54 5.26 -4.63
C LEU B 230 -15.88 3.94 -5.30
N VAL B 231 -15.54 2.83 -4.66
CA VAL B 231 -15.77 1.53 -5.24
C VAL B 231 -17.26 1.23 -5.35
N ASP B 232 -18.04 1.55 -4.31
CA ASP B 232 -19.47 1.29 -4.37
C ASP B 232 -20.13 2.12 -5.48
N THR B 233 -19.73 3.38 -5.62
CA THR B 233 -20.27 4.22 -6.69
C THR B 233 -19.91 3.63 -8.05
N TYR B 234 -18.66 3.22 -8.22
CA TYR B 234 -18.21 2.63 -9.47
C TYR B 234 -19.04 1.40 -9.81
N ASP B 235 -19.19 0.48 -8.86
CA ASP B 235 -19.92 -0.75 -9.15
C ASP B 235 -21.38 -0.44 -9.50
N ARG B 236 -22.02 0.41 -8.68
CA ARG B 236 -23.47 0.60 -8.85
C ARG B 236 -23.81 1.52 -10.02
N LEU B 237 -23.03 2.57 -10.24
CA LEU B 237 -23.39 3.61 -11.20
C LEU B 237 -22.42 3.74 -12.35
N GLY B 238 -21.21 3.23 -12.21
CA GLY B 238 -20.25 3.22 -13.28
C GLY B 238 -19.31 4.43 -13.29
N LEU B 239 -18.31 4.30 -14.13
CA LEU B 239 -17.25 5.29 -14.17
C LEU B 239 -17.79 6.65 -14.60
N ASP B 240 -18.77 6.68 -15.51
CA ASP B 240 -19.29 7.95 -15.99
C ASP B 240 -20.07 8.72 -14.94
N ALA B 241 -20.44 8.08 -13.83
CA ALA B 241 -21.07 8.76 -12.71
C ALA B 241 -20.05 9.39 -11.76
N ILE B 242 -18.76 9.24 -12.03
CA ILE B 242 -17.69 9.79 -11.20
C ILE B 242 -16.95 10.84 -12.02
N ALA B 243 -16.65 11.97 -11.40
CA ALA B 243 -15.87 13.02 -12.04
C ALA B 243 -14.77 13.46 -11.08
N GLN B 244 -13.85 14.26 -11.60
CA GLN B 244 -12.79 14.80 -10.75
C GLN B 244 -12.44 16.21 -11.21
N VAL B 245 -12.03 17.03 -10.24
CA VAL B 245 -11.73 18.44 -10.47
CA VAL B 245 -11.73 18.45 -10.47
C VAL B 245 -10.46 18.81 -9.71
N ASN B 246 -9.64 19.63 -10.35
CA ASN B 246 -8.38 20.08 -9.76
C ASN B 246 -8.68 21.20 -8.77
N LEU B 247 -8.31 20.97 -7.51
CA LEU B 247 -8.47 21.96 -6.47
C LEU B 247 -7.26 22.87 -6.31
N GLY B 248 -6.16 22.60 -7.00
CA GLY B 248 -4.94 23.39 -6.84
C GLY B 248 -3.87 22.66 -6.05
N VAL B 249 -2.99 23.41 -5.39
CA VAL B 249 -1.86 22.78 -4.69
C VAL B 249 -2.19 22.25 -3.30
N ARG B 253 0.89 17.44 3.01
CA ARG B 253 0.86 17.20 4.45
C ARG B 253 1.86 16.11 4.83
N ASN B 254 2.47 16.25 6.00
CA ASN B 254 3.48 15.32 6.49
C ASN B 254 2.94 14.59 7.71
N ARG B 255 2.58 13.31 7.53
CA ARG B 255 2.14 12.45 8.63
C ARG B 255 3.21 11.41 8.95
N PRO B 256 3.29 10.95 10.20
CA PRO B 256 4.28 9.90 10.51
C PRO B 256 3.98 8.62 9.76
N LEU B 257 5.05 7.91 9.40
CA LEU B 257 4.88 6.65 8.68
C LEU B 257 3.97 5.68 9.43
N THR B 258 4.02 5.71 10.78
CA THR B 258 3.18 4.80 11.55
CA THR B 258 3.18 4.80 11.55
C THR B 258 1.70 5.08 11.31
N ASP B 259 1.33 6.36 11.23
CA ASP B 259 -0.05 6.72 10.98
C ASP B 259 -0.44 6.35 9.55
N LEU B 260 0.44 6.62 8.58
CA LEU B 260 0.15 6.23 7.21
C LEU B 260 0.00 4.72 7.08
N ALA B 261 0.80 3.94 7.82
CA ALA B 261 0.67 2.49 7.73
C ALA B 261 -0.68 2.03 8.27
N ALA B 262 -1.10 2.60 9.40
CA ALA B 262 -2.39 2.24 9.95
C ALA B 262 -3.51 2.61 8.98
N MET B 263 -3.39 3.76 8.32
CA MET B 263 -4.38 4.16 7.32
CA MET B 263 -4.38 4.16 7.32
C MET B 263 -4.38 3.19 6.15
N SER B 264 -3.20 2.86 5.64
CA SER B 264 -3.09 1.87 4.57
CA SER B 264 -3.08 1.87 4.57
C SER B 264 -3.77 0.57 4.94
N ARG B 265 -3.55 0.09 6.16
CA ARG B 265 -4.14 -1.17 6.57
C ARG B 265 -5.66 -1.12 6.50
N GLN B 266 -6.27 0.01 6.87
CA GLN B 266 -7.72 0.15 6.79
C GLN B 266 -8.21 0.28 5.35
N VAL B 267 -7.47 1.00 4.50
CA VAL B 267 -7.80 1.06 3.08
C VAL B 267 -7.84 -0.34 2.48
N ILE B 268 -6.84 -1.16 2.80
CA ILE B 268 -6.81 -2.55 2.38
C ILE B 268 -8.03 -3.29 2.87
N ALA B 269 -8.34 -3.17 4.17
CA ALA B 269 -9.47 -3.90 4.72
C ALA B 269 -10.76 -3.54 4.00
N THR B 270 -10.96 -2.24 3.73
CA THR B 270 -12.20 -1.82 3.07
C THR B 270 -12.26 -2.30 1.62
N LEU B 271 -11.17 -2.20 0.89
CA LEU B 271 -11.17 -2.74 -0.48
CA LEU B 271 -11.16 -2.74 -0.48
C LEU B 271 -11.43 -4.25 -0.46
N PHE B 272 -10.79 -4.97 0.45
CA PHE B 272 -11.02 -6.41 0.53
C PHE B 272 -12.48 -6.71 0.88
N SER B 273 -13.09 -5.91 1.77
CA SER B 273 -14.49 -6.12 2.09
CA SER B 273 -14.49 -6.13 2.09
C SER B 273 -15.37 -5.96 0.86
N ARG B 274 -15.05 -4.99 0.01
CA ARG B 274 -15.85 -4.77 -1.19
CA ARG B 274 -15.84 -4.76 -1.20
C ARG B 274 -15.59 -5.82 -2.27
N CYS B 275 -14.53 -6.59 -2.16
CA CYS B 275 -14.25 -7.66 -3.10
C CYS B 275 -14.57 -9.03 -2.55
N GLY B 276 -14.90 -9.15 -1.27
CA GLY B 276 -15.12 -10.45 -0.68
C GLY B 276 -13.85 -11.21 -0.36
N VAL B 277 -12.71 -10.53 -0.25
CA VAL B 277 -11.47 -11.18 0.16
C VAL B 277 -11.51 -11.36 1.67
N PRO B 278 -11.30 -12.59 2.16
N PRO B 278 -11.11 -12.51 2.22
CA PRO B 278 -11.12 -12.77 3.61
CA PRO B 278 -11.24 -12.78 3.67
C PRO B 278 -9.96 -11.91 4.06
C PRO B 278 -10.15 -12.18 4.56
N ASP B 279 -10.29 -10.88 4.81
CA ASP B 279 -9.32 -10.12 5.57
C ASP B 279 -9.38 -10.57 7.01
N SER B 280 -8.21 -10.78 7.62
CA SER B 280 -8.11 -11.32 8.97
C SER B 280 -8.71 -10.40 10.03
N GLY B 281 -8.84 -9.12 9.75
CA GLY B 281 -9.15 -8.16 10.77
C GLY B 281 -8.00 -7.83 11.71
N VAL B 282 -6.78 -8.34 11.46
CA VAL B 282 -5.64 -8.10 12.33
C VAL B 282 -4.97 -6.81 11.91
N GLY B 283 -4.80 -5.88 12.85
CA GLY B 283 -4.12 -4.64 12.60
C GLY B 283 -2.62 -4.79 12.63
N LEU B 284 -1.94 -3.65 12.56
CA LEU B 284 -0.49 -3.59 12.61
C LEU B 284 -0.08 -3.48 14.07
N THR B 285 0.85 -4.33 14.50
CA THR B 285 1.18 -4.46 15.90
C THR B 285 2.61 -4.03 16.15
N GLN B 286 2.79 -3.22 17.18
CA GLN B 286 4.10 -2.90 17.72
C GLN B 286 4.12 -3.40 19.16
N PHE B 287 5.12 -4.22 19.50
CA PHE B 287 5.28 -4.63 20.88
C PHE B 287 6.02 -3.55 21.66
N PHE B 288 5.58 -3.32 22.89
CA PHE B 288 6.31 -2.51 23.84
C PHE B 288 6.69 -3.34 25.05
N ALA B 289 7.85 -3.02 25.62
CA ALA B 289 8.35 -3.72 26.78
C ALA B 289 8.67 -2.74 27.90
N ASP B 290 8.38 -3.15 29.13
CA ASP B 290 8.92 -2.46 30.30
C ASP B 290 9.43 -3.53 31.26
N GLY B 291 9.73 -3.15 32.50
CA GLY B 291 10.27 -4.11 33.45
C GLY B 291 9.36 -5.29 33.69
N ASP B 292 8.05 -5.11 33.52
CA ASP B 292 7.08 -6.17 33.78
C ASP B 292 6.84 -7.09 32.58
N GLY B 293 7.26 -6.72 31.39
CA GLY B 293 7.10 -7.60 30.25
C GLY B 293 6.62 -6.88 29.02
N PHE B 294 6.07 -7.64 28.09
CA PHE B 294 5.74 -7.20 26.75
C PHE B 294 4.24 -7.06 26.58
N SER B 295 3.84 -6.08 25.78
CA SER B 295 2.43 -5.99 25.43
C SER B 295 2.28 -5.38 24.04
N PRO B 296 1.28 -5.81 23.28
CA PRO B 296 1.11 -5.28 21.92
C PRO B 296 0.25 -4.04 21.91
N ARG B 297 0.58 -3.16 20.96
CA ARG B 297 -0.26 -2.03 20.58
C ARG B 297 -0.61 -2.24 19.11
N THR B 298 -1.88 -2.39 18.81
CA THR B 298 -2.33 -2.83 17.49
C THR B 298 -3.20 -1.75 16.87
N SER B 299 -2.93 -1.45 15.60
CA SER B 299 -3.69 -0.40 14.93
C SER B 299 -5.15 -0.81 14.73
N GLU B 300 -5.99 0.20 14.57
CA GLU B 300 -7.42 -0.02 14.44
C GLU B 300 -7.78 -0.49 13.04
N VAL B 301 -8.51 -1.58 12.95
CA VAL B 301 -9.04 -2.08 11.69
CA VAL B 301 -9.05 -2.10 11.70
C VAL B 301 -10.47 -2.57 11.94
N SER B 302 -11.37 -2.19 11.06
CA SER B 302 -12.73 -2.68 11.15
C SER B 302 -13.19 -3.13 9.77
N LEU B 303 -13.90 -4.25 9.77
CA LEU B 303 -14.50 -4.82 8.58
CA LEU B 303 -14.50 -4.83 8.59
C LEU B 303 -16.00 -4.61 8.54
N VAL B 304 -16.54 -3.82 9.47
CA VAL B 304 -17.99 -3.71 9.62
C VAL B 304 -18.48 -2.39 9.06
N ASP B 305 -19.25 -2.46 7.98
CA ASP B 305 -19.88 -1.27 7.43
C ASP B 305 -21.05 -0.84 8.32
N ARG B 306 -21.35 0.44 8.27
CA ARG B 306 -22.68 0.92 8.61
C ARG B 306 -23.62 0.71 7.43
N PRO B 307 -24.88 0.39 7.68
CA PRO B 307 -25.80 0.11 6.59
C PRO B 307 -26.21 1.40 5.90
N PRO B 308 -26.78 1.32 4.70
CA PRO B 308 -27.28 2.53 4.04
C PRO B 308 -28.18 3.33 4.97
N MET B 309 -27.98 4.63 4.97
CA MET B 309 -28.76 5.49 5.87
C MET B 309 -30.25 5.43 5.55
N ASN B 310 -30.62 5.13 4.30
CA ASN B 310 -32.04 4.99 4.01
C ASN B 310 -32.71 3.83 4.74
N THR B 311 -31.94 2.92 5.36
CA THR B 311 -32.57 1.86 6.15
C THR B 311 -32.96 2.34 7.54
N LEU B 312 -32.26 3.35 8.08
CA LEU B 312 -32.56 3.89 9.40
C LEU B 312 -33.36 5.18 9.36
N ARG B 313 -33.35 5.86 8.22
CA ARG B 313 -34.03 7.14 8.02
C ARG B 313 -34.82 7.05 6.71
N GLY B 314 -35.68 6.04 6.63
CA GLY B 314 -36.43 5.81 5.41
C GLY B 314 -37.36 6.95 5.03
N LYS B 315 -38.00 7.57 6.01
CA LYS B 315 -38.91 8.66 5.72
CA LYS B 315 -38.91 8.66 5.72
C LYS B 315 -38.15 9.90 5.27
N LEU B 316 -37.02 10.20 5.91
CA LEU B 316 -36.17 11.29 5.43
C LEU B 316 -35.72 11.03 4.01
N ALA B 317 -35.28 9.79 3.74
CA ALA B 317 -34.79 9.45 2.41
C ALA B 317 -35.89 9.59 1.37
N ALA B 318 -37.10 9.14 1.69
CA ALA B 318 -38.19 9.22 0.72
C ALA B 318 -38.59 10.67 0.49
N ALA B 319 -38.54 11.50 1.53
CA ALA B 319 -38.84 12.92 1.38
C ALA B 319 -37.86 13.58 0.42
N LEU B 320 -36.60 13.14 0.44
CA LEU B 320 -35.57 13.70 -0.43
C LEU B 320 -35.57 13.10 -1.82
N GLU B 321 -36.18 11.94 -2.00
CA GLU B 321 -36.37 11.35 -3.32
C GLU B 321 -37.59 11.98 -3.98
#